data_5N3M
#
_entry.id   5N3M
#
_cell.length_a   51.979
_cell.length_b   71.002
_cell.length_c   97.552
_cell.angle_alpha   90.00
_cell.angle_beta   90.00
_cell.angle_gamma   90.00
#
_symmetry.space_group_name_H-M   'P 21 21 21'
#
loop_
_entity.id
_entity.type
_entity.pdbx_description
1 polymer 'cAMP-dependent protein kinase catalytic subunit alpha'
2 non-polymer (4S)-2-METHYL-2,4-PENTANEDIOL
3 non-polymer 'DIMETHYL SULFOXIDE'
4 non-polymer D-ARGININE
5 water water
#
_entity_poly.entity_id   1
_entity_poly.type   'polypeptide(L)'
_entity_poly.pdbx_seq_one_letter_code
;GHMGNAAAAKKG(SEP)EQESVKEFLAKAKEEFLKKWESPSQNTAQLDHFDRIKTLGTGSFGRVMLVKHKETGNHYAMKI
LDKQKVVKLKQIEHTLNEKRILQAVNFPFLVKLEFSFKDNSNLYMVMEYVPGGEMFSHLRRIGRF(SEP)EPHARFYAAQ
IVLTFEYLHSLDLIYRDLKPENLLIDQQGYIQVTDFGFAKRVKGRTW(TPO)LCGTPEYLAPEIILSKGYNKAVDWWALG
VLIYEMAAGYPPFFADQPIQIYEKIVSGKVRFPSHFSSDLKDLLRNLLQVDLTKRFGNLKNGVNDIKNHKWFATTDWIAI
YQRKVEAPFIPKFKGPGDTSNFDDYEEEEIRV(SEP)INEKCGKEFTEF
;
_entity_poly.pdbx_strand_id   A
#
loop_
_chem_comp.id
_chem_comp.type
_chem_comp.name
_chem_comp.formula
DMS non-polymer 'DIMETHYL SULFOXIDE' 'C2 H6 O S'
MPD non-polymer (4S)-2-METHYL-2,4-PENTANEDIOL 'C6 H14 O2'
#
# COMPACT_ATOMS: atom_id res chain seq x y z
N GLU A 14 21.11 -6.45 14.84
CA GLU A 14 20.40 -5.17 14.86
C GLU A 14 20.59 -4.48 16.21
N GLN A 15 20.64 -3.15 16.19
CA GLN A 15 20.82 -2.42 17.43
C GLN A 15 19.60 -2.64 18.33
N GLU A 16 19.87 -2.76 19.62
CA GLU A 16 18.81 -2.97 20.58
C GLU A 16 17.75 -1.91 20.43
N SER A 17 18.13 -0.71 19.99
CA SER A 17 17.13 0.34 19.82
C SER A 17 16.07 -0.05 18.79
N VAL A 18 16.48 -0.73 17.71
CA VAL A 18 15.54 -1.20 16.70
C VAL A 18 14.70 -2.35 17.23
N LYS A 19 15.34 -3.28 17.94
N LYS A 19 15.34 -3.30 17.94
CA LYS A 19 14.64 -4.42 18.51
CA LYS A 19 14.63 -4.42 18.51
C LYS A 19 13.57 -3.95 19.49
C LYS A 19 13.56 -3.94 19.48
N GLU A 20 13.92 -2.99 20.34
CA GLU A 20 12.94 -2.49 21.31
C GLU A 20 11.84 -1.70 20.63
N PHE A 21 12.17 -0.91 19.61
CA PHE A 21 11.14 -0.24 18.83
C PHE A 21 10.14 -1.25 18.27
N LEU A 22 10.65 -2.31 17.61
CA LEU A 22 9.74 -3.26 16.99
C LEU A 22 8.97 -4.07 18.01
N ALA A 23 9.54 -4.31 19.19
CA ALA A 23 8.80 -5.03 20.22
C ALA A 23 7.61 -4.20 20.71
N LYS A 24 7.82 -2.91 20.94
CA LYS A 24 6.73 -2.03 21.32
C LYS A 24 5.71 -1.91 20.21
N ALA A 25 6.17 -1.77 18.97
CA ALA A 25 5.25 -1.73 17.84
C ALA A 25 4.35 -2.95 17.82
N LYS A 26 4.92 -4.13 18.06
CA LYS A 26 4.13 -5.37 18.04
C LYS A 26 3.16 -5.44 19.21
N GLU A 27 3.58 -5.03 20.41
CA GLU A 27 2.67 -4.98 21.56
C GLU A 27 1.46 -4.10 21.26
N GLU A 28 1.71 -2.93 20.69
CA GLU A 28 0.60 -2.00 20.45
C GLU A 28 -0.33 -2.50 19.36
N PHE A 29 0.24 -3.09 18.31
CA PHE A 29 -0.56 -3.70 17.25
C PHE A 29 -1.42 -4.82 17.83
N LEU A 30 -0.82 -5.68 18.64
CA LEU A 30 -1.58 -6.84 19.11
C LEU A 30 -2.74 -6.44 20.01
N LYS A 31 -2.58 -5.40 20.82
CA LYS A 31 -3.69 -4.98 21.66
C LYS A 31 -4.89 -4.56 20.80
N LYS A 32 -4.65 -3.78 19.74
CA LYS A 32 -5.74 -3.38 18.84
C LYS A 32 -6.23 -4.55 17.98
N TRP A 33 -5.32 -5.44 17.57
CA TRP A 33 -5.68 -6.60 16.76
C TRP A 33 -6.64 -7.49 17.52
N GLU A 34 -6.41 -7.68 18.81
CA GLU A 34 -7.21 -8.57 19.62
C GLU A 34 -8.55 -7.97 20.03
N SER A 35 -8.68 -6.65 20.04
CA SER A 35 -9.92 -5.97 20.42
C SER A 35 -10.21 -4.86 19.41
N PRO A 36 -10.66 -5.21 18.22
CA PRO A 36 -10.77 -4.19 17.16
C PRO A 36 -11.86 -3.17 17.48
N SER A 37 -11.62 -1.94 17.03
CA SER A 37 -12.69 -0.95 17.09
C SER A 37 -13.74 -1.23 16.03
N GLN A 38 -14.98 -0.87 16.34
CA GLN A 38 -16.10 -1.10 15.46
C GLN A 38 -17.08 0.04 15.60
N ASN A 39 -17.74 0.38 14.51
CA ASN A 39 -18.96 1.22 14.57
C ASN A 39 -18.69 2.58 15.22
N THR A 40 -17.69 3.30 14.69
CA THR A 40 -17.22 4.53 15.34
C THR A 40 -17.69 5.81 14.66
N ALA A 41 -18.50 5.71 13.61
CA ALA A 41 -19.21 6.85 13.03
C ALA A 41 -20.41 6.31 12.27
N GLN A 42 -21.12 7.19 11.54
CA GLN A 42 -22.20 6.75 10.67
C GLN A 42 -22.22 7.66 9.44
N LEU A 43 -22.94 7.22 8.40
CA LEU A 43 -22.81 7.87 7.11
C LEU A 43 -23.27 9.33 7.17
N ASP A 44 -24.36 9.60 7.90
CA ASP A 44 -24.93 10.94 7.92
C ASP A 44 -24.14 11.90 8.80
N HIS A 45 -22.99 11.49 9.32
CA HIS A 45 -22.04 12.42 9.91
C HIS A 45 -21.22 13.14 8.87
N PHE A 46 -21.34 12.77 7.59
CA PHE A 46 -20.45 13.26 6.54
C PHE A 46 -21.24 13.82 5.37
N ASP A 47 -20.65 14.81 4.69
CA ASP A 47 -21.10 15.29 3.41
C ASP A 47 -20.22 14.66 2.34
N ARG A 48 -20.80 14.26 1.22
CA ARG A 48 -20.05 13.73 0.09
C ARG A 48 -19.56 14.86 -0.79
N ILE A 49 -18.30 14.82 -1.20
CA ILE A 49 -17.69 15.86 -2.05
C ILE A 49 -17.43 15.36 -3.47
N LYS A 50 -16.75 14.24 -3.63
N LYS A 50 -16.70 14.26 -3.64
CA LYS A 50 -16.31 13.83 -4.97
CA LYS A 50 -16.26 13.82 -4.95
C LYS A 50 -15.82 12.40 -4.93
C LYS A 50 -15.90 12.35 -4.88
N THR A 51 -16.11 11.64 -5.99
CA THR A 51 -15.56 10.30 -6.14
C THR A 51 -14.10 10.39 -6.61
N LEU A 52 -13.20 9.75 -5.85
CA LEU A 52 -11.77 9.79 -6.14
C LEU A 52 -11.29 8.56 -6.89
N GLY A 53 -12.04 7.47 -6.87
CA GLY A 53 -11.65 6.23 -7.56
C GLY A 53 -12.76 5.20 -7.40
N THR A 54 -12.75 4.20 -8.28
CA THR A 54 -13.83 3.23 -8.31
C THR A 54 -13.33 1.90 -8.82
N GLY A 55 -13.89 0.81 -8.29
CA GLY A 55 -13.50 -0.55 -8.64
C GLY A 55 -14.64 -1.53 -8.72
N SER A 56 -14.31 -2.83 -8.77
CA SER A 56 -15.32 -3.86 -9.02
C SER A 56 -16.31 -3.98 -7.88
N PHE A 57 -15.90 -3.66 -6.65
CA PHE A 57 -16.79 -3.84 -5.50
C PHE A 57 -16.86 -2.62 -4.60
N GLY A 58 -16.22 -1.51 -4.97
CA GLY A 58 -16.38 -0.32 -4.16
C GLY A 58 -15.78 0.91 -4.82
N ARG A 59 -15.68 1.97 -4.01
CA ARG A 59 -15.23 3.27 -4.46
C ARG A 59 -14.54 3.96 -3.30
N VAL A 60 -13.80 5.02 -3.62
CA VAL A 60 -13.27 5.91 -2.60
C VAL A 60 -13.81 7.29 -2.89
N MET A 61 -14.34 7.90 -1.84
N MET A 61 -14.36 7.91 -1.85
CA MET A 61 -14.96 9.22 -1.86
CA MET A 61 -14.98 9.24 -1.95
C MET A 61 -14.12 10.17 -1.03
C MET A 61 -14.35 10.22 -0.98
N LEU A 62 -14.08 11.44 -1.47
CA LEU A 62 -13.77 12.53 -0.56
C LEU A 62 -15.04 12.94 0.17
N VAL A 63 -14.98 12.99 1.51
CA VAL A 63 -16.09 13.39 2.34
C VAL A 63 -15.61 14.44 3.33
N LYS A 64 -16.55 15.18 3.92
CA LYS A 64 -16.23 16.19 4.92
C LYS A 64 -17.11 15.92 6.14
N HIS A 65 -16.51 15.83 7.31
CA HIS A 65 -17.27 15.64 8.53
C HIS A 65 -18.03 16.91 8.87
N LYS A 66 -19.34 16.77 9.10
CA LYS A 66 -20.23 17.93 9.21
C LYS A 66 -20.01 18.73 10.47
N GLU A 67 -19.48 18.13 11.52
CA GLU A 67 -19.27 18.86 12.77
C GLU A 67 -17.87 19.40 12.90
N THR A 68 -16.84 18.65 12.49
CA THR A 68 -15.48 19.14 12.66
C THR A 68 -14.95 19.88 11.44
N GLY A 69 -15.53 19.65 10.27
CA GLY A 69 -15.05 20.21 9.05
C GLY A 69 -13.87 19.49 8.44
N ASN A 70 -13.43 18.39 9.05
CA ASN A 70 -12.28 17.67 8.53
C ASN A 70 -12.64 16.86 7.30
N HIS A 71 -11.70 16.80 6.37
CA HIS A 71 -11.85 15.99 5.16
C HIS A 71 -11.25 14.61 5.39
N TYR A 72 -11.86 13.60 4.75
CA TYR A 72 -11.45 12.22 4.82
C TYR A 72 -11.68 11.54 3.48
N ALA A 73 -10.92 10.46 3.26
CA ALA A 73 -11.15 9.56 2.15
C ALA A 73 -11.96 8.38 2.68
N MET A 74 -13.17 8.20 2.15
CA MET A 74 -14.06 7.15 2.62
C MET A 74 -14.10 6.05 1.57
N LYS A 75 -13.63 4.86 1.93
CA LYS A 75 -13.71 3.71 1.08
C LYS A 75 -15.04 3.02 1.39
N ILE A 76 -15.83 2.77 0.35
CA ILE A 76 -17.17 2.20 0.47
C ILE A 76 -17.17 0.89 -0.30
N LEU A 77 -17.51 -0.20 0.39
CA LEU A 77 -17.57 -1.50 -0.25
C LEU A 77 -18.99 -2.03 -0.24
N ASP A 78 -19.48 -2.46 -1.39
CA ASP A 78 -20.82 -3.02 -1.50
C ASP A 78 -20.79 -4.48 -1.04
N LYS A 79 -21.49 -4.78 0.06
CA LYS A 79 -21.42 -6.11 0.67
C LYS A 79 -21.77 -7.21 -0.32
N GLN A 80 -22.79 -6.98 -1.15
CA GLN A 80 -23.21 -8.02 -2.06
C GLN A 80 -22.14 -8.29 -3.11
N LYS A 81 -21.40 -7.25 -3.53
CA LYS A 81 -20.36 -7.47 -4.52
C LYS A 81 -19.13 -8.12 -3.88
N VAL A 82 -18.89 -7.84 -2.60
CA VAL A 82 -17.74 -8.41 -1.91
C VAL A 82 -17.91 -9.91 -1.85
N VAL A 83 -19.08 -10.36 -1.41
CA VAL A 83 -19.42 -11.77 -1.40
C VAL A 83 -19.23 -12.38 -2.78
N LYS A 84 -19.82 -11.75 -3.80
CA LYS A 84 -19.82 -12.34 -5.14
C LYS A 84 -18.41 -12.43 -5.70
N LEU A 85 -17.60 -11.38 -5.49
CA LEU A 85 -16.21 -11.35 -5.94
C LEU A 85 -15.27 -12.05 -4.96
N LYS A 86 -15.83 -12.77 -3.98
CA LYS A 86 -15.09 -13.67 -3.10
C LYS A 86 -14.03 -12.93 -2.28
N GLN A 87 -14.37 -11.71 -1.87
CA GLN A 87 -13.45 -10.93 -1.09
C GLN A 87 -13.80 -10.82 0.39
N ILE A 88 -14.61 -11.73 0.97
CA ILE A 88 -15.08 -11.50 2.34
C ILE A 88 -13.90 -11.41 3.31
N GLU A 89 -13.07 -12.45 3.31
CA GLU A 89 -11.95 -12.49 4.24
C GLU A 89 -11.01 -11.33 4.01
N HIS A 90 -10.79 -10.96 2.76
CA HIS A 90 -9.90 -9.85 2.45
C HIS A 90 -10.44 -8.54 3.00
N THR A 91 -11.75 -8.30 2.92
CA THR A 91 -12.29 -7.04 3.46
C THR A 91 -12.19 -7.03 4.97
N LEU A 92 -12.40 -8.18 5.62
CA LEU A 92 -12.24 -8.25 7.05
C LEU A 92 -10.76 -8.06 7.45
N ASN A 93 -9.82 -8.66 6.70
CA ASN A 93 -8.39 -8.41 6.93
C ASN A 93 -8.09 -6.92 6.86
N GLU A 94 -8.54 -6.28 5.78
CA GLU A 94 -8.19 -4.89 5.52
C GLU A 94 -8.56 -4.01 6.71
N LYS A 95 -9.79 -4.14 7.17
CA LYS A 95 -10.25 -3.28 8.25
C LYS A 95 -9.58 -3.63 9.58
N ARG A 96 -9.44 -4.92 9.88
CA ARG A 96 -8.85 -5.32 11.15
C ARG A 96 -7.37 -4.90 11.23
N ILE A 97 -6.65 -5.01 10.11
CA ILE A 97 -5.26 -4.58 10.06
C ILE A 97 -5.18 -3.07 10.16
N LEU A 98 -5.94 -2.36 9.34
CA LEU A 98 -5.82 -0.90 9.33
C LEU A 98 -6.14 -0.29 10.67
N GLN A 99 -7.14 -0.81 11.39
CA GLN A 99 -7.45 -0.22 12.69
C GLN A 99 -6.39 -0.52 13.74
N ALA A 100 -5.45 -1.42 13.46
CA ALA A 100 -4.46 -1.82 14.45
C ALA A 100 -3.05 -1.31 14.20
N VAL A 101 -2.73 -0.82 13.00
CA VAL A 101 -1.36 -0.41 12.68
C VAL A 101 -1.14 1.06 12.99
N ASN A 102 0.13 1.44 13.08
CA ASN A 102 0.54 2.80 13.39
C ASN A 102 1.99 2.92 12.90
N PHE A 103 2.20 3.66 11.82
CA PHE A 103 3.55 3.87 11.31
C PHE A 103 3.52 5.12 10.45
N PRO A 104 4.64 5.88 10.34
CA PRO A 104 4.52 7.19 9.69
C PRO A 104 4.07 7.15 8.25
N PHE A 105 4.32 6.04 7.55
CA PHE A 105 4.06 5.95 6.12
C PHE A 105 2.83 5.09 5.81
N LEU A 106 1.98 4.84 6.79
CA LEU A 106 0.70 4.16 6.59
C LEU A 106 -0.42 5.15 6.83
N VAL A 107 -1.41 5.18 5.92
N VAL A 107 -1.38 5.23 5.90
CA VAL A 107 -2.56 6.06 6.12
CA VAL A 107 -2.53 6.08 6.13
C VAL A 107 -3.32 5.63 7.36
C VAL A 107 -3.24 5.65 7.41
N LYS A 108 -3.79 6.62 8.11
CA LYS A 108 -4.51 6.37 9.35
C LYS A 108 -6.00 6.15 9.07
N LEU A 109 -6.55 5.09 9.64
CA LEU A 109 -7.99 4.86 9.67
C LEU A 109 -8.55 5.64 10.85
N GLU A 110 -9.51 6.50 10.58
N GLU A 110 -9.48 6.54 10.57
CA GLU A 110 -10.13 7.37 11.57
CA GLU A 110 -10.13 7.31 11.63
C GLU A 110 -11.47 6.85 12.08
C GLU A 110 -11.41 6.64 12.14
N PHE A 111 -12.27 6.22 11.22
CA PHE A 111 -13.55 5.65 11.62
C PHE A 111 -13.84 4.43 10.75
N SER A 112 -14.70 3.56 11.24
CA SER A 112 -15.28 2.52 10.39
C SER A 112 -16.69 2.22 10.86
N PHE A 113 -17.51 1.70 9.94
CA PHE A 113 -18.89 1.32 10.25
C PHE A 113 -19.45 0.58 9.05
N LYS A 114 -20.65 0.04 9.22
CA LYS A 114 -21.38 -0.64 8.15
C LYS A 114 -22.85 -0.28 8.28
N ASP A 115 -23.58 -0.49 7.20
CA ASP A 115 -25.03 -0.35 7.23
C ASP A 115 -25.63 -1.52 6.46
N ASN A 116 -26.91 -1.40 6.10
CA ASN A 116 -27.59 -2.53 5.48
C ASN A 116 -26.87 -2.99 4.22
N SER A 117 -26.26 -2.05 3.48
CA SER A 117 -25.70 -2.37 2.17
C SER A 117 -24.19 -2.40 2.11
N ASN A 118 -23.49 -1.52 2.85
CA ASN A 118 -22.09 -1.23 2.59
C ASN A 118 -21.25 -1.37 3.85
N LEU A 119 -19.95 -1.54 3.62
CA LEU A 119 -18.89 -1.35 4.61
C LEU A 119 -18.19 -0.03 4.31
N TYR A 120 -17.77 0.67 5.37
CA TYR A 120 -17.13 1.97 5.25
C TYR A 120 -15.86 2.03 6.09
N MET A 121 -14.79 2.50 5.46
CA MET A 121 -13.52 2.78 6.13
C MET A 121 -13.19 4.23 5.83
N VAL A 122 -13.09 5.05 6.88
CA VAL A 122 -12.89 6.49 6.74
C VAL A 122 -11.45 6.80 7.15
N MET A 123 -10.63 7.20 6.19
N MET A 123 -10.62 7.15 6.18
CA MET A 123 -9.20 7.37 6.36
CA MET A 123 -9.19 7.37 6.34
C MET A 123 -8.83 8.83 6.17
C MET A 123 -8.86 8.84 6.23
N GLU A 124 -7.65 9.20 6.65
CA GLU A 124 -7.14 10.52 6.36
C GLU A 124 -7.08 10.71 4.86
N TYR A 125 -7.40 11.92 4.42
CA TYR A 125 -7.34 12.29 3.01
C TYR A 125 -5.98 12.88 2.72
N VAL A 126 -5.32 12.35 1.71
CA VAL A 126 -3.99 12.80 1.33
C VAL A 126 -4.13 13.53 -0.01
N PRO A 127 -4.12 14.87 -0.06
CA PRO A 127 -4.50 15.57 -1.29
C PRO A 127 -3.48 15.52 -2.41
N GLY A 128 -2.25 15.04 -2.18
CA GLY A 128 -1.23 15.09 -3.21
C GLY A 128 -1.41 14.08 -4.31
N GLY A 129 -2.29 13.09 -4.13
CA GLY A 129 -2.53 12.11 -5.16
C GLY A 129 -1.56 10.94 -5.16
N GLU A 130 -1.80 10.03 -6.10
CA GLU A 130 -1.02 8.81 -6.25
C GLU A 130 0.34 9.08 -6.83
N MET A 131 1.33 8.31 -6.36
CA MET A 131 2.66 8.38 -6.97
C MET A 131 2.58 8.04 -8.45
N PHE A 132 1.70 7.12 -8.84
CA PHE A 132 1.56 6.73 -10.24
C PHE A 132 1.34 7.93 -11.15
N SER A 133 0.44 8.83 -10.75
N SER A 133 0.46 8.84 -10.75
CA SER A 133 0.17 10.02 -11.56
CA SER A 133 0.19 9.99 -11.62
C SER A 133 1.42 10.86 -11.71
C SER A 133 1.40 10.91 -11.71
N HIS A 134 2.11 11.12 -10.60
CA HIS A 134 3.31 11.96 -10.65
C HIS A 134 4.40 11.32 -11.50
N LEU A 135 4.56 10.00 -11.36
CA LEU A 135 5.56 9.28 -12.13
C LEU A 135 5.27 9.38 -13.62
N ARG A 136 4.01 9.15 -13.98
CA ARG A 136 3.65 9.18 -15.40
C ARG A 136 3.71 10.60 -15.97
N ARG A 137 3.54 11.63 -15.14
N ARG A 137 3.44 11.62 -15.16
CA ARG A 137 3.61 13.00 -15.61
CA ARG A 137 3.62 13.01 -15.60
C ARG A 137 5.04 13.50 -15.80
C ARG A 137 5.08 13.26 -15.96
N ILE A 138 5.99 13.00 -15.01
CA ILE A 138 7.38 13.38 -15.17
C ILE A 138 8.16 12.43 -16.06
N GLY A 139 7.74 11.18 -16.16
CA GLY A 139 8.42 10.18 -16.96
C GLY A 139 9.13 9.17 -16.08
N ARG A 140 10.19 9.60 -15.39
CA ARG A 140 10.87 8.73 -14.45
C ARG A 140 11.45 9.59 -13.36
N PHE A 141 11.71 8.96 -12.21
CA PHE A 141 12.35 9.62 -11.10
C PHE A 141 13.86 9.39 -11.15
N SEP A 142 14.65 10.41 -10.82
CA SEP A 142 16.09 10.23 -10.64
CB SEP A 142 16.74 11.54 -10.21
OG SEP A 142 16.31 11.89 -8.85
C SEP A 142 16.34 9.19 -9.54
O SEP A 142 15.48 8.91 -8.70
P SEP A 142 16.69 13.40 -8.33
O1P SEP A 142 15.88 14.34 -9.33
O2P SEP A 142 16.16 13.49 -6.84
O3P SEP A 142 18.21 13.65 -8.50
H SEP A 142 14.37 11.21 -10.69
HA SEP A 142 16.51 9.91 -11.47
HB2 SEP A 142 16.46 12.24 -10.82
HB3 SEP A 142 17.70 11.44 -10.23
N GLU A 143 17.52 8.58 -9.51
CA GLU A 143 17.81 7.60 -8.49
C GLU A 143 17.68 8.16 -7.05
N PRO A 144 18.15 9.38 -6.76
CA PRO A 144 17.91 9.92 -5.41
C PRO A 144 16.45 10.00 -5.03
N HIS A 145 15.61 10.39 -5.98
CA HIS A 145 14.18 10.53 -5.76
C HIS A 145 13.54 9.15 -5.56
N ALA A 146 13.86 8.19 -6.42
CA ALA A 146 13.37 6.82 -6.25
C ALA A 146 13.83 6.25 -4.93
N ARG A 147 15.07 6.54 -4.54
CA ARG A 147 15.65 6.02 -3.30
C ARG A 147 14.94 6.57 -2.07
N PHE A 148 14.59 7.86 -2.10
CA PHE A 148 13.84 8.45 -0.99
C PHE A 148 12.52 7.70 -0.76
N TYR A 149 11.78 7.43 -1.84
CA TYR A 149 10.55 6.65 -1.73
C TYR A 149 10.82 5.20 -1.30
N ALA A 150 11.83 4.58 -1.93
CA ALA A 150 12.13 3.18 -1.62
C ALA A 150 12.47 3.01 -0.16
N ALA A 151 13.22 3.95 0.42
CA ALA A 151 13.59 3.84 1.83
C ALA A 151 12.36 3.79 2.72
N GLN A 152 11.35 4.60 2.39
CA GLN A 152 10.12 4.58 3.18
C GLN A 152 9.43 3.23 3.09
N ILE A 153 9.42 2.62 1.91
CA ILE A 153 8.83 1.29 1.74
C ILE A 153 9.62 0.25 2.52
N VAL A 154 10.95 0.32 2.47
CA VAL A 154 11.78 -0.63 3.23
C VAL A 154 11.42 -0.59 4.71
N LEU A 155 11.35 0.62 5.28
CA LEU A 155 11.01 0.76 6.69
C LEU A 155 9.60 0.28 6.97
N THR A 156 8.67 0.58 6.06
CA THR A 156 7.28 0.17 6.25
C THR A 156 7.14 -1.35 6.23
N PHE A 157 7.85 -2.02 5.33
CA PHE A 157 7.83 -3.48 5.28
C PHE A 157 8.55 -4.07 6.49
N GLU A 158 9.64 -3.45 6.94
CA GLU A 158 10.24 -3.92 8.18
C GLU A 158 9.22 -3.91 9.31
N TYR A 159 8.46 -2.82 9.44
CA TYR A 159 7.39 -2.72 10.43
C TYR A 159 6.32 -3.80 10.21
N LEU A 160 5.74 -3.82 9.01
CA LEU A 160 4.63 -4.75 8.76
C LEU A 160 5.06 -6.21 8.96
N HIS A 161 6.20 -6.58 8.39
CA HIS A 161 6.65 -7.97 8.47
C HIS A 161 6.91 -8.38 9.91
N SER A 162 7.39 -7.45 10.74
CA SER A 162 7.63 -7.76 12.14
C SER A 162 6.34 -8.09 12.88
N LEU A 163 5.21 -7.59 12.40
CA LEU A 163 3.88 -7.84 12.94
C LEU A 163 3.26 -9.07 12.31
N ASP A 164 4.01 -9.81 11.51
CA ASP A 164 3.51 -10.96 10.77
C ASP A 164 2.50 -10.56 9.68
N LEU A 165 2.59 -9.34 9.17
CA LEU A 165 1.72 -8.87 8.10
C LEU A 165 2.44 -8.89 6.76
N ILE A 166 1.76 -9.34 5.70
CA ILE A 166 2.22 -9.22 4.32
C ILE A 166 1.29 -8.23 3.64
N TYR A 167 1.85 -7.35 2.83
CA TYR A 167 1.09 -6.27 2.22
C TYR A 167 0.42 -6.68 0.90
N ARG A 168 1.17 -7.25 -0.03
CA ARG A 168 0.68 -7.94 -1.21
C ARG A 168 0.04 -7.04 -2.26
N ASP A 169 0.21 -5.73 -2.21
CA ASP A 169 -0.30 -4.91 -3.31
C ASP A 169 0.58 -3.68 -3.52
N LEU A 170 1.89 -3.80 -3.34
CA LEU A 170 2.74 -2.65 -3.58
C LEU A 170 2.73 -2.30 -5.06
N LYS A 171 2.52 -1.01 -5.35
CA LYS A 171 2.54 -0.43 -6.70
C LYS A 171 2.37 1.08 -6.53
N PRO A 172 2.80 1.89 -7.50
CA PRO A 172 2.70 3.35 -7.30
C PRO A 172 1.29 3.86 -7.10
N GLU A 173 0.27 3.17 -7.63
CA GLU A 173 -1.12 3.59 -7.44
C GLU A 173 -1.53 3.61 -5.97
N ASN A 174 -0.88 2.80 -5.13
CA ASN A 174 -1.24 2.67 -3.74
C ASN A 174 -0.42 3.53 -2.80
N LEU A 175 0.43 4.38 -3.34
CA LEU A 175 1.37 5.19 -2.55
C LEU A 175 0.98 6.65 -2.76
N LEU A 176 0.31 7.24 -1.79
CA LEU A 176 -0.11 8.63 -1.89
C LEU A 176 1.01 9.53 -1.42
N ILE A 177 1.11 10.73 -1.99
CA ILE A 177 2.18 11.67 -1.67
C ILE A 177 1.57 12.78 -0.82
N ASP A 178 2.09 12.93 0.41
CA ASP A 178 1.48 13.83 1.36
C ASP A 178 2.02 15.25 1.24
N GLN A 179 1.57 16.09 2.16
CA GLN A 179 1.85 17.52 2.12
C GLN A 179 3.32 17.83 2.33
N GLN A 180 4.08 16.89 2.88
CA GLN A 180 5.52 17.03 3.03
C GLN A 180 6.28 16.29 1.96
N GLY A 181 5.58 15.67 1.00
CA GLY A 181 6.23 14.89 -0.03
C GLY A 181 6.61 13.49 0.36
N TYR A 182 6.13 13.00 1.50
CA TYR A 182 6.37 11.64 1.93
C TYR A 182 5.22 10.72 1.51
N ILE A 183 5.48 9.44 1.55
CA ILE A 183 4.49 8.42 1.16
C ILE A 183 3.53 8.11 2.29
N GLN A 184 2.29 7.84 1.90
CA GLN A 184 1.27 7.21 2.75
C GLN A 184 0.73 6.02 1.97
N VAL A 185 0.98 4.80 2.45
CA VAL A 185 0.45 3.61 1.81
C VAL A 185 -1.03 3.53 2.11
N THR A 186 -1.79 3.36 1.05
CA THR A 186 -3.20 3.22 1.12
C THR A 186 -3.51 1.89 0.45
N ASP A 187 -4.64 1.39 0.80
N ASP A 187 -4.71 1.50 0.77
CA ASP A 187 -5.24 0.22 0.21
CA ASP A 187 -5.30 0.24 0.40
C ASP A 187 -4.63 -1.04 0.77
C ASP A 187 -4.55 -0.90 1.03
N PHE A 188 -5.24 -1.49 1.86
N PHE A 188 -5.27 -1.63 1.85
CA PHE A 188 -4.87 -2.71 2.54
CA PHE A 188 -4.81 -2.83 2.50
C PHE A 188 -5.76 -3.90 2.17
C PHE A 188 -5.72 -3.99 2.13
N GLY A 189 -6.38 -3.85 0.97
CA GLY A 189 -7.33 -4.87 0.55
C GLY A 189 -6.78 -6.27 0.45
N PHE A 190 -5.48 -6.43 0.18
CA PHE A 190 -4.85 -7.74 0.12
C PHE A 190 -3.92 -8.03 1.30
N ALA A 191 -3.82 -7.13 2.26
CA ALA A 191 -2.93 -7.34 3.39
C ALA A 191 -3.47 -8.45 4.27
N LYS A 192 -2.57 -9.19 4.91
CA LYS A 192 -3.01 -10.35 5.69
C LYS A 192 -1.98 -10.65 6.78
N ARG A 193 -2.45 -11.06 7.95
CA ARG A 193 -1.59 -11.59 8.99
C ARG A 193 -1.34 -13.06 8.74
N VAL A 194 -0.07 -13.40 8.54
CA VAL A 194 0.40 -14.69 8.06
C VAL A 194 1.57 -15.12 8.93
N LYS A 195 1.44 -16.26 9.61
CA LYS A 195 2.57 -16.92 10.24
C LYS A 195 2.92 -18.13 9.37
N GLY A 196 4.03 -18.05 8.67
CA GLY A 196 4.34 -19.12 7.74
C GLY A 196 3.99 -18.75 6.30
N ARG A 197 3.08 -19.47 5.69
CA ARG A 197 2.79 -19.34 4.27
C ARG A 197 1.32 -18.96 4.09
N THR A 198 1.02 -18.48 2.89
CA THR A 198 -0.34 -18.23 2.47
C THR A 198 -0.44 -18.52 0.98
N TRP A 199 -1.67 -18.64 0.47
CA TRP A 199 -1.86 -19.21 -0.87
C TRP A 199 -2.71 -18.42 -1.85
N TPO A 200 -3.35 -17.33 -1.43
CA TPO A 200 -4.30 -16.71 -2.33
CB TPO A 200 -5.16 -15.68 -1.56
CG2 TPO A 200 -6.32 -15.23 -2.41
OG1 TPO A 200 -5.72 -16.29 -0.41
P TPO A 200 -5.20 -15.69 0.98
O1P TPO A 200 -5.71 -16.63 2.12
O2P TPO A 200 -5.66 -14.28 1.11
O3P TPO A 200 -3.64 -15.78 0.95
C TPO A 200 -3.66 -16.03 -3.54
O TPO A 200 -2.69 -15.28 -3.40
H TPO A 200 -3.24 -16.95 -0.67
HA TPO A 200 -4.90 -17.40 -2.67
HB TPO A 200 -4.54 -14.82 -1.28
HG21 TPO A 200 -6.92 -14.50 -1.85
HG22 TPO A 200 -6.95 -16.08 -2.67
HG23 TPO A 200 -5.95 -14.76 -3.33
N LEU A 201 -4.23 -16.20 -4.72
CA LEU A 201 -3.81 -15.49 -5.91
C LEU A 201 -4.40 -14.09 -5.85
N CYS A 202 -3.53 -13.11 -5.64
CA CYS A 202 -3.99 -11.74 -5.56
C CYS A 202 -2.79 -10.84 -5.81
N GLY A 203 -3.06 -9.61 -6.13
CA GLY A 203 -2.04 -8.65 -6.43
C GLY A 203 -2.41 -7.98 -7.72
N THR A 204 -1.41 -7.44 -8.39
CA THR A 204 -1.50 -6.79 -9.68
C THR A 204 -0.53 -7.47 -10.64
N PRO A 205 -0.90 -7.80 -11.89
CA PRO A 205 -0.02 -8.69 -12.71
C PRO A 205 1.44 -8.30 -12.79
N GLU A 206 1.73 -7.02 -13.08
CA GLU A 206 3.11 -6.60 -13.25
C GLU A 206 3.95 -6.77 -11.99
N TYR A 207 3.33 -6.85 -10.81
CA TYR A 207 4.00 -6.88 -9.54
C TYR A 207 4.03 -8.25 -8.89
N LEU A 208 3.43 -9.28 -9.52
CA LEU A 208 3.38 -10.60 -8.88
C LEU A 208 4.74 -11.29 -8.88
N ALA A 209 5.08 -11.87 -7.73
CA ALA A 209 6.27 -12.69 -7.62
C ALA A 209 6.05 -14.02 -8.33
N PRO A 210 7.13 -14.66 -8.79
CA PRO A 210 6.98 -15.96 -9.48
C PRO A 210 6.22 -16.98 -8.64
N GLU A 211 6.46 -17.02 -7.33
CA GLU A 211 5.81 -18.06 -6.51
C GLU A 211 4.32 -17.84 -6.37
N ILE A 212 3.82 -16.60 -6.55
CA ILE A 212 2.38 -16.40 -6.62
C ILE A 212 1.85 -16.95 -7.94
N ILE A 213 2.51 -16.60 -9.04
CA ILE A 213 2.10 -17.07 -10.37
C ILE A 213 2.04 -18.57 -10.41
N LEU A 214 3.01 -19.24 -9.79
CA LEU A 214 3.10 -20.68 -9.81
C LEU A 214 2.30 -21.38 -8.70
N SER A 215 1.43 -20.64 -8.00
CA SER A 215 0.46 -21.24 -7.07
C SER A 215 1.12 -21.95 -5.90
N LYS A 216 2.24 -21.44 -5.42
CA LYS A 216 2.93 -21.98 -4.27
C LYS A 216 2.38 -21.35 -2.99
N GLY A 217 2.72 -22.00 -1.88
CA GLY A 217 2.60 -21.37 -0.57
C GLY A 217 3.72 -20.36 -0.42
N TYR A 218 3.38 -19.10 -0.28
CA TYR A 218 4.36 -18.03 -0.33
C TYR A 218 4.34 -17.22 0.98
N ASN A 219 5.32 -16.34 1.11
N ASN A 219 5.31 -16.33 1.11
CA ASN A 219 5.55 -15.62 2.37
CA ASN A 219 5.50 -15.61 2.38
C ASN A 219 5.88 -14.16 2.07
C ASN A 219 5.88 -14.16 2.06
N LYS A 220 6.45 -13.46 3.06
CA LYS A 220 6.75 -12.05 2.92
C LYS A 220 7.76 -11.76 1.83
N ALA A 221 8.47 -12.77 1.30
CA ALA A 221 9.37 -12.53 0.20
C ALA A 221 8.67 -11.90 -1.00
N VAL A 222 7.36 -12.12 -1.14
CA VAL A 222 6.66 -11.53 -2.29
C VAL A 222 6.67 -10.00 -2.21
N ASP A 223 6.64 -9.45 -1.00
CA ASP A 223 6.69 -7.99 -0.86
C ASP A 223 8.05 -7.45 -1.28
N TRP A 224 9.14 -8.18 -0.97
CA TRP A 224 10.47 -7.73 -1.39
C TRP A 224 10.64 -7.83 -2.90
N TRP A 225 10.08 -8.87 -3.53
CA TRP A 225 10.02 -8.90 -4.99
C TRP A 225 9.31 -7.66 -5.52
N ALA A 226 8.15 -7.36 -4.95
CA ALA A 226 7.37 -6.21 -5.40
C ALA A 226 8.16 -4.91 -5.23
N LEU A 227 8.96 -4.81 -4.18
CA LEU A 227 9.81 -3.62 -4.03
C LEU A 227 10.79 -3.50 -5.20
N GLY A 228 11.36 -4.62 -5.66
CA GLY A 228 12.21 -4.57 -6.83
C GLY A 228 11.47 -4.05 -8.04
N VAL A 229 10.24 -4.51 -8.24
CA VAL A 229 9.44 -4.02 -9.36
C VAL A 229 9.20 -2.52 -9.22
N LEU A 230 8.85 -2.06 -8.01
CA LEU A 230 8.56 -0.66 -7.76
C LEU A 230 9.79 0.21 -8.04
N ILE A 231 10.94 -0.18 -7.51
CA ILE A 231 12.16 0.61 -7.72
C ILE A 231 12.48 0.67 -9.20
N TYR A 232 12.40 -0.46 -9.90
CA TYR A 232 12.61 -0.45 -11.34
C TYR A 232 11.66 0.52 -12.04
N GLU A 233 10.37 0.43 -11.72
CA GLU A 233 9.38 1.27 -12.39
C GLU A 233 9.62 2.76 -12.07
N MET A 234 9.93 3.08 -10.82
CA MET A 234 10.20 4.48 -10.48
C MET A 234 11.41 5.02 -11.26
N ALA A 235 12.48 4.22 -11.38
CA ALA A 235 13.71 4.71 -11.99
C ALA A 235 13.70 4.62 -13.52
N ALA A 236 12.95 3.70 -14.10
CA ALA A 236 12.86 3.57 -15.55
C ALA A 236 11.66 4.31 -16.14
N GLY A 237 10.55 4.38 -15.41
CA GLY A 237 9.30 4.92 -15.91
C GLY A 237 8.35 3.87 -16.43
N TYR A 238 8.76 2.62 -16.47
CA TYR A 238 7.95 1.50 -16.89
C TYR A 238 8.39 0.29 -16.09
N PRO A 239 7.54 -0.72 -15.94
CA PRO A 239 7.89 -1.85 -15.10
C PRO A 239 8.76 -2.85 -15.85
N PRO A 240 9.47 -3.72 -15.13
CA PRO A 240 10.42 -4.63 -15.76
C PRO A 240 9.80 -5.69 -16.63
N PHE A 241 8.58 -6.10 -16.32
CA PHE A 241 7.89 -7.19 -17.01
C PHE A 241 6.59 -6.60 -17.53
N PHE A 242 6.52 -6.39 -18.85
CA PHE A 242 5.46 -5.62 -19.47
C PHE A 242 5.06 -6.35 -20.75
N ALA A 243 3.76 -6.44 -20.98
CA ALA A 243 3.27 -7.06 -22.20
C ALA A 243 1.80 -6.72 -22.32
N ASP A 244 1.21 -7.12 -23.44
CA ASP A 244 -0.16 -6.72 -23.70
C ASP A 244 -1.15 -7.47 -22.83
N GLN A 245 -0.87 -8.76 -22.53
CA GLN A 245 -1.76 -9.64 -21.77
C GLN A 245 -1.07 -10.20 -20.52
N PRO A 246 -1.83 -10.42 -19.44
CA PRO A 246 -1.22 -10.98 -18.22
C PRO A 246 -0.37 -12.23 -18.44
N ILE A 247 -0.84 -13.20 -19.23
CA ILE A 247 -0.07 -14.43 -19.35
C ILE A 247 1.31 -14.17 -19.94
N GLN A 248 1.42 -13.18 -20.84
CA GLN A 248 2.71 -12.82 -21.39
C GLN A 248 3.59 -12.17 -20.34
N ILE A 249 3.00 -11.36 -19.47
CA ILE A 249 3.73 -10.80 -18.34
C ILE A 249 4.24 -11.91 -17.45
N TYR A 250 3.38 -12.88 -17.13
CA TYR A 250 3.78 -13.96 -16.21
C TYR A 250 4.93 -14.79 -16.79
N GLU A 251 4.91 -15.06 -18.10
CA GLU A 251 6.02 -15.78 -18.72
C GLU A 251 7.34 -15.04 -18.50
N LYS A 252 7.32 -13.71 -18.63
CA LYS A 252 8.53 -12.93 -18.42
C LYS A 252 8.97 -12.98 -16.96
N ILE A 253 8.03 -12.85 -16.04
CA ILE A 253 8.35 -12.86 -14.61
C ILE A 253 9.04 -14.15 -14.23
N VAL A 254 8.51 -15.29 -14.68
CA VAL A 254 9.08 -16.55 -14.23
C VAL A 254 10.39 -16.90 -14.94
N SER A 255 10.75 -16.19 -16.01
CA SER A 255 11.88 -16.58 -16.85
C SER A 255 13.25 -16.42 -16.19
N GLY A 256 13.38 -15.52 -15.24
CA GLY A 256 14.65 -15.25 -14.62
C GLY A 256 15.49 -14.22 -15.36
N LYS A 257 14.92 -13.58 -16.38
CA LYS A 257 15.59 -12.56 -17.20
C LYS A 257 14.96 -11.19 -16.95
N VAL A 258 15.80 -10.17 -16.83
CA VAL A 258 15.34 -8.78 -16.77
C VAL A 258 16.37 -7.94 -17.50
N ARG A 259 15.92 -6.91 -18.18
CA ARG A 259 16.82 -6.00 -18.90
C ARG A 259 16.75 -4.65 -18.22
N PHE A 260 17.91 -4.03 -18.02
CA PHE A 260 17.97 -2.76 -17.34
C PHE A 260 18.33 -1.66 -18.32
N PRO A 261 17.73 -0.48 -18.19
CA PRO A 261 18.19 0.66 -18.99
C PRO A 261 19.66 0.97 -18.70
N SER A 262 20.38 1.43 -19.71
CA SER A 262 21.78 1.76 -19.53
C SER A 262 21.98 2.91 -18.56
N HIS A 263 20.97 3.76 -18.34
CA HIS A 263 21.15 4.87 -17.40
C HIS A 263 21.15 4.41 -15.96
N PHE A 264 20.68 3.19 -15.66
CA PHE A 264 20.72 2.72 -14.28
C PHE A 264 22.17 2.62 -13.80
N SER A 265 22.41 3.02 -12.57
CA SER A 265 23.71 2.81 -11.93
C SER A 265 23.98 1.32 -11.74
N SER A 266 25.26 0.99 -11.64
CA SER A 266 25.64 -0.40 -11.33
C SER A 266 25.06 -0.85 -9.99
N ASP A 267 25.07 0.02 -8.99
CA ASP A 267 24.52 -0.32 -7.69
C ASP A 267 23.02 -0.61 -7.77
N LEU A 268 22.29 0.17 -8.58
CA LEU A 268 20.85 -0.07 -8.74
C LEU A 268 20.63 -1.42 -9.38
N LYS A 269 21.37 -1.72 -10.44
CA LYS A 269 21.19 -3.00 -11.12
C LYS A 269 21.47 -4.14 -10.16
N ASP A 270 22.54 -4.02 -9.37
CA ASP A 270 22.85 -5.10 -8.44
C ASP A 270 21.73 -5.30 -7.42
N LEU A 271 21.24 -4.22 -6.81
CA LEU A 271 20.14 -4.36 -5.87
C LEU A 271 18.95 -5.04 -6.53
N LEU A 272 18.61 -4.58 -7.72
CA LEU A 272 17.42 -5.10 -8.41
C LEU A 272 17.57 -6.58 -8.77
N ARG A 273 18.78 -7.03 -9.14
CA ARG A 273 18.93 -8.46 -9.41
C ARG A 273 18.69 -9.29 -8.16
N ASN A 274 19.00 -8.74 -6.99
CA ASN A 274 18.80 -9.43 -5.72
C ASN A 274 17.38 -9.35 -5.19
N LEU A 275 16.62 -8.32 -5.55
CA LEU A 275 15.18 -8.27 -5.21
C LEU A 275 14.35 -9.03 -6.21
N LEU A 276 14.66 -8.91 -7.50
CA LEU A 276 13.99 -9.63 -8.59
C LEU A 276 14.63 -10.98 -8.81
N GLN A 277 14.94 -11.65 -7.73
CA GLN A 277 15.50 -13.00 -7.72
C GLN A 277 14.34 -13.99 -7.76
N VAL A 278 14.28 -14.80 -8.82
N VAL A 278 14.26 -14.79 -8.82
CA VAL A 278 13.15 -15.71 -8.98
CA VAL A 278 13.15 -15.72 -8.97
C VAL A 278 13.16 -16.83 -7.96
C VAL A 278 13.15 -16.73 -7.83
N ASP A 279 14.32 -17.20 -7.41
CA ASP A 279 14.41 -18.19 -6.34
C ASP A 279 14.20 -17.45 -5.02
N LEU A 280 13.05 -17.67 -4.39
CA LEU A 280 12.72 -16.91 -3.19
C LEU A 280 13.69 -17.20 -2.07
N THR A 281 14.36 -18.36 -2.08
CA THR A 281 15.31 -18.66 -1.02
C THR A 281 16.61 -17.90 -1.16
N LYS A 282 16.79 -17.17 -2.28
CA LYS A 282 17.99 -16.37 -2.51
C LYS A 282 17.68 -14.89 -2.60
N ARG A 283 16.44 -14.50 -2.34
CA ARG A 283 16.00 -13.13 -2.56
C ARG A 283 16.29 -12.24 -1.35
N PHE A 284 16.86 -11.07 -1.61
CA PHE A 284 17.08 -10.09 -0.55
C PHE A 284 15.77 -9.76 0.17
N GLY A 285 15.87 -9.66 1.48
CA GLY A 285 14.76 -9.51 2.38
C GLY A 285 14.29 -10.82 2.96
N ASN A 286 14.69 -11.95 2.35
CA ASN A 286 14.28 -13.28 2.77
C ASN A 286 15.46 -14.16 3.18
N LEU A 287 16.62 -13.57 3.43
CA LEU A 287 17.81 -14.30 3.83
C LEU A 287 18.00 -14.16 5.34
N LYS A 288 19.07 -14.76 5.86
CA LYS A 288 19.23 -14.78 7.30
C LYS A 288 19.32 -13.38 7.90
N ASN A 289 19.91 -12.42 7.17
CA ASN A 289 20.00 -11.05 7.65
C ASN A 289 18.78 -10.21 7.35
N GLY A 290 17.75 -10.81 6.75
CA GLY A 290 16.48 -10.11 6.59
C GLY A 290 16.63 -8.76 5.90
N VAL A 291 15.97 -7.76 6.46
CA VAL A 291 15.93 -6.45 5.82
C VAL A 291 17.30 -5.82 5.74
N ASN A 292 18.23 -6.24 6.59
CA ASN A 292 19.52 -5.57 6.63
C ASN A 292 20.34 -5.80 5.36
N ASP A 293 20.08 -6.88 4.62
CA ASP A 293 20.77 -7.00 3.33
C ASP A 293 20.36 -5.90 2.37
N ILE A 294 19.14 -5.39 2.51
CA ILE A 294 18.69 -4.27 1.71
C ILE A 294 19.22 -2.95 2.26
N LYS A 295 19.04 -2.73 3.57
CA LYS A 295 19.42 -1.45 4.15
C LYS A 295 20.91 -1.18 4.03
N ASN A 296 21.74 -2.23 4.01
CA ASN A 296 23.20 -2.11 3.92
C ASN A 296 23.71 -2.18 2.50
N HIS A 297 22.85 -2.31 1.51
CA HIS A 297 23.31 -2.38 0.13
C HIS A 297 23.87 -1.03 -0.28
N LYS A 298 24.90 -1.05 -1.14
N LYS A 298 24.89 -1.07 -1.14
CA LYS A 298 25.52 0.20 -1.56
CA LYS A 298 25.53 0.14 -1.65
C LYS A 298 24.53 1.19 -2.21
C LYS A 298 24.52 1.16 -2.18
N TRP A 299 23.45 0.70 -2.85
CA TRP A 299 22.52 1.68 -3.43
C TRP A 299 21.90 2.55 -2.35
N PHE A 300 21.82 2.09 -1.12
CA PHE A 300 21.27 2.84 -0.01
C PHE A 300 22.35 3.51 0.85
N ALA A 301 23.61 3.59 0.38
CA ALA A 301 24.69 4.13 1.21
C ALA A 301 24.40 5.57 1.68
N THR A 302 23.74 6.38 0.87
CA THR A 302 23.44 7.76 1.23
C THR A 302 22.21 7.92 2.12
N THR A 303 21.51 6.83 2.42
CA THR A 303 20.25 6.92 3.15
C THR A 303 20.50 6.97 4.65
N ASP A 304 19.91 7.96 5.30
CA ASP A 304 19.92 8.10 6.76
C ASP A 304 18.56 7.55 7.21
N TRP A 305 18.55 6.30 7.63
CA TRP A 305 17.30 5.59 7.88
C TRP A 305 16.50 6.26 8.99
N ILE A 306 17.15 6.69 10.06
CA ILE A 306 16.45 7.35 11.15
C ILE A 306 15.87 8.68 10.68
N ALA A 307 16.63 9.46 9.89
CA ALA A 307 16.11 10.72 9.41
C ALA A 307 14.90 10.54 8.53
N ILE A 308 14.89 9.48 7.71
CA ILE A 308 13.70 9.18 6.90
C ILE A 308 12.50 8.88 7.81
N TYR A 309 12.69 7.97 8.77
CA TYR A 309 11.62 7.63 9.71
C TYR A 309 11.07 8.87 10.39
N GLN A 310 11.96 9.77 10.82
CA GLN A 310 11.57 10.99 11.53
C GLN A 310 11.08 12.08 10.60
N ARG A 311 11.07 11.83 9.29
N ARG A 311 11.04 11.84 9.29
CA ARG A 311 10.59 12.78 8.31
CA ARG A 311 10.56 12.82 8.32
C ARG A 311 11.39 14.09 8.34
C ARG A 311 11.40 14.10 8.34
N LYS A 312 12.71 13.96 8.53
CA LYS A 312 13.61 15.10 8.59
C LYS A 312 14.33 15.37 7.28
N VAL A 313 14.20 14.48 6.30
CA VAL A 313 14.80 14.67 4.99
C VAL A 313 13.88 15.53 4.14
N GLU A 314 14.44 16.53 3.46
CA GLU A 314 13.64 17.33 2.55
C GLU A 314 13.26 16.48 1.35
N ALA A 315 11.98 16.48 1.02
CA ALA A 315 11.50 15.58 -0.01
C ALA A 315 11.86 16.06 -1.42
N PRO A 316 11.87 15.14 -2.39
CA PRO A 316 12.15 15.54 -3.79
C PRO A 316 11.15 16.50 -4.37
N PHE A 317 9.88 16.40 -4.03
CA PHE A 317 8.92 17.43 -4.43
C PHE A 317 7.71 17.35 -3.53
N ILE A 318 7.07 18.50 -3.44
CA ILE A 318 5.83 18.69 -2.69
C ILE A 318 4.72 18.78 -3.72
N PRO A 319 3.69 17.98 -3.63
CA PRO A 319 2.59 18.10 -4.59
C PRO A 319 1.98 19.49 -4.51
N LYS A 320 1.48 19.95 -5.65
CA LYS A 320 0.78 21.21 -5.73
C LYS A 320 -0.69 20.99 -5.42
N PHE A 321 -1.18 21.68 -4.39
CA PHE A 321 -2.58 21.61 -4.02
C PHE A 321 -2.89 22.84 -3.18
N LYS A 322 -4.18 23.21 -3.13
CA LYS A 322 -4.56 24.48 -2.52
C LYS A 322 -4.99 24.36 -1.08
N GLY A 323 -5.29 23.16 -0.61
CA GLY A 323 -5.76 22.99 0.74
C GLY A 323 -6.25 21.59 0.94
N PRO A 324 -6.74 21.30 2.15
CA PRO A 324 -7.06 19.92 2.51
C PRO A 324 -8.23 19.34 1.76
N GLY A 325 -9.07 20.16 1.11
CA GLY A 325 -10.17 19.68 0.30
C GLY A 325 -9.92 19.72 -1.19
N ASP A 326 -8.72 20.07 -1.63
N ASP A 326 -8.70 20.05 -1.62
CA ASP A 326 -8.46 20.16 -3.06
CA ASP A 326 -8.36 20.12 -3.04
C ASP A 326 -8.36 18.76 -3.65
C ASP A 326 -8.37 18.71 -3.64
N THR A 327 -9.07 18.54 -4.77
CA THR A 327 -9.12 17.25 -5.47
C THR A 327 -8.39 17.26 -6.82
N SER A 328 -7.63 18.33 -7.10
N SER A 328 -7.63 18.32 -7.13
CA SER A 328 -7.01 18.51 -8.41
CA SER A 328 -7.04 18.47 -8.45
C SER A 328 -6.07 17.36 -8.78
C SER A 328 -5.98 17.43 -8.79
N ASN A 329 -5.44 16.71 -7.80
CA ASN A 329 -4.48 15.63 -8.08
C ASN A 329 -5.14 14.28 -8.27
N PHE A 330 -6.47 14.24 -8.26
CA PHE A 330 -7.24 13.03 -8.52
C PHE A 330 -8.05 13.26 -9.78
N ASP A 331 -8.50 12.19 -10.39
CA ASP A 331 -9.20 12.29 -11.67
C ASP A 331 -10.72 12.22 -11.51
N ASP A 332 -11.42 12.26 -12.64
CA ASP A 332 -12.87 12.46 -12.67
C ASP A 332 -13.58 11.15 -12.98
N TYR A 333 -14.56 10.81 -12.16
CA TYR A 333 -15.35 9.60 -12.31
C TYR A 333 -16.83 9.97 -12.27
N GLU A 334 -17.64 9.14 -12.93
CA GLU A 334 -19.09 9.28 -12.84
C GLU A 334 -19.51 9.28 -11.37
N GLU A 335 -20.34 10.24 -10.99
CA GLU A 335 -20.83 10.31 -9.61
C GLU A 335 -22.08 9.47 -9.49
N GLU A 336 -22.00 8.38 -8.73
CA GLU A 336 -23.08 7.42 -8.52
C GLU A 336 -23.62 7.48 -7.09
N GLU A 337 -24.88 7.07 -6.91
CA GLU A 337 -25.50 7.07 -5.58
C GLU A 337 -24.75 6.16 -4.59
N ILE A 338 -24.82 6.52 -3.30
CA ILE A 338 -24.50 5.60 -2.18
C ILE A 338 -25.85 5.17 -1.63
N ARG A 339 -26.40 4.12 -2.20
CA ARG A 339 -27.72 3.64 -1.81
C ARG A 339 -27.60 2.68 -0.63
N VAL A 340 -28.54 2.78 0.29
CA VAL A 340 -28.57 1.92 1.44
C VAL A 340 -29.93 1.22 1.41
N SEP A 341 -29.92 -0.10 1.27
CA SEP A 341 -31.14 -0.88 1.19
CB SEP A 341 -30.79 -2.35 0.97
OG SEP A 341 -31.95 -3.16 0.98
C SEP A 341 -31.96 -0.73 2.46
O SEP A 341 -31.43 -0.49 3.56
P SEP A 341 -32.84 -3.23 -0.37
O1P SEP A 341 -33.70 -4.54 -0.14
O2P SEP A 341 -33.75 -1.94 -0.37
O3P SEP A 341 -31.83 -3.30 -1.63
H SEP A 341 -29.20 -0.58 1.20
HA SEP A 341 -31.68 -0.56 0.43
HB2 SEP A 341 -30.18 -2.63 1.68
HB3 SEP A 341 -30.35 -2.44 0.11
N ILE A 342 -33.25 -0.87 2.29
CA ILE A 342 -34.20 -0.98 3.39
C ILE A 342 -34.01 -2.27 4.22
N ASN A 343 -33.38 -3.27 3.62
CA ASN A 343 -33.15 -4.57 4.26
C ASN A 343 -31.66 -4.85 4.42
N GLU A 344 -31.28 -5.45 5.54
CA GLU A 344 -29.88 -5.77 5.78
C GLU A 344 -29.42 -6.87 4.85
N LYS A 345 -28.24 -6.68 4.24
CA LYS A 345 -27.63 -7.66 3.35
C LYS A 345 -26.38 -8.25 3.98
N CYS A 346 -26.23 -9.56 3.83
CA CYS A 346 -24.97 -10.23 4.19
C CYS A 346 -24.55 -9.95 5.62
N GLY A 347 -25.52 -9.87 6.53
CA GLY A 347 -25.21 -9.56 7.92
C GLY A 347 -24.23 -10.55 8.54
N LYS A 348 -24.48 -11.86 8.35
CA LYS A 348 -23.66 -12.86 9.03
C LYS A 348 -22.21 -12.78 8.58
N GLU A 349 -22.00 -12.65 7.27
CA GLU A 349 -20.67 -12.62 6.70
C GLU A 349 -19.81 -11.52 7.32
N PHE A 350 -20.41 -10.37 7.64
CA PHE A 350 -19.64 -9.19 8.06
C PHE A 350 -19.85 -8.84 9.53
N THR A 351 -20.28 -9.82 10.35
CA THR A 351 -20.51 -9.58 11.77
C THR A 351 -19.33 -8.90 12.45
N GLU A 352 -18.09 -9.30 12.14
CA GLU A 352 -16.95 -8.78 12.89
C GLU A 352 -16.51 -7.39 12.43
N PHE A 353 -17.02 -6.90 11.31
CA PHE A 353 -16.59 -5.61 10.78
C PHE A 353 -17.09 -4.50 11.67
C1 MPD B . 14.22 3.80 12.09
C2 MPD B . 13.30 2.82 12.80
O2 MPD B . 14.12 2.08 13.75
CM MPD B . 12.19 3.52 13.60
C3 MPD B . 12.71 1.90 11.73
C4 MPD B . 11.92 0.69 12.24
O4 MPD B . 11.04 0.24 11.23
C5 MPD B . 12.80 -0.51 12.57
H11 MPD B . 14.21 3.60 11.01
H12 MPD B . 15.23 3.70 12.46
H13 MPD B . 13.86 4.82 12.27
HO2 MPD B . 14.14 1.14 13.50
HM1 MPD B . 11.22 3.21 13.22
HM2 MPD B . 12.28 3.25 14.65
HM3 MPD B . 12.30 4.60 13.49
H31 MPD B . 13.52 1.55 11.09
H32 MPD B . 12.05 2.49 11.10
H4 MPD B . 11.36 0.98 13.12
HO4 MPD B . 10.19 -0.03 11.64
H51 MPD B . 12.50 -1.36 11.97
H52 MPD B . 13.84 -0.26 12.37
H53 MPD B . 12.68 -0.76 13.63
S DMS C . 18.40 11.04 3.08
O DMS C . 18.27 9.69 3.66
C1 DMS C . 19.65 11.97 3.99
C2 DMS C . 19.19 10.93 1.46
H11 DMS C . 19.32 12.11 4.99
H12 DMS C . 19.81 12.91 3.53
H13 DMS C . 20.56 11.42 4.00
H21 DMS C . 20.11 10.42 1.56
H22 DMS C . 19.36 11.90 1.08
H23 DMS C . 18.57 10.40 0.79
S DMS D . -9.62 -11.65 10.32
O DMS D . -10.33 -11.36 11.61
C1 DMS D . -8.59 -10.25 9.84
C2 DMS D . -8.36 -12.94 10.55
H11 DMS D . -8.03 -10.51 8.98
H12 DMS D . -9.21 -9.41 9.63
H13 DMS D . -7.93 -10.01 10.63
H21 DMS D . -7.70 -12.66 11.33
H22 DMS D . -8.83 -13.85 10.80
H23 DMS D . -7.81 -13.06 9.66
S DMS E . 6.26 2.86 18.17
O DMS E . 5.35 1.95 17.42
C1 DMS E . 5.48 3.63 19.60
C2 DMS E . 7.61 1.89 18.89
H11 DMS E . 4.70 4.28 19.28
H12 DMS E . 5.07 2.89 20.23
H13 DMS E . 6.20 4.19 20.15
H21 DMS E . 7.21 1.11 19.49
H22 DMS E . 8.21 2.52 19.50
H23 DMS E . 8.20 1.47 18.12
S DMS F . -11.91 -18.92 6.03
O DMS F . -12.09 -17.57 5.38
C1 DMS F . -12.74 -18.84 7.65
C2 DMS F . -13.05 -20.07 5.23
H11 DMS F . -12.71 -19.80 8.09
H12 DMS F . -12.24 -18.14 8.26
H13 DMS F . -13.75 -18.54 7.52
H21 DMS F . -13.01 -21.01 5.72
H22 DMS F . -12.76 -20.20 4.21
H23 DMS F . -14.03 -19.69 5.27
N DAR G . -2.98 0.96 -16.73
N DAR G . -3.66 0.50 -15.63
CA DAR G . -2.07 -0.08 -17.25
CA DAR G . -2.65 0.20 -16.66
CB DAR G . -1.60 -1.04 -16.14
CB DAR G . -1.60 -0.77 -16.13
CG DAR G . -0.82 -0.28 -15.06
CG DAR G . -0.78 -0.12 -15.04
CD DAR G . -0.29 -1.22 -13.98
CD DAR G . -0.28 -1.14 -14.04
NE DAR G . 0.36 -0.47 -12.91
NE DAR G . 0.38 -0.51 -12.91
CZ DAR G . 1.73 -0.16 -12.92
CZ DAR G . 1.73 -0.18 -12.91
NH1 DAR G . 2.51 -0.57 -13.87
NH1 DAR G . 2.51 -0.62 -13.85
NH2 DAR G . 2.13 0.59 -11.86
NH2 DAR G . 2.13 0.60 -11.84
C DAR G . -0.87 0.59 -17.89
C DAR G . -2.00 1.49 -17.14
O DAR G . -1.03 1.88 -17.88
O DAR G . -2.69 2.53 -16.73
OXT DAR G . 0.11 0.01 -18.31
OXT DAR G . -1.00 1.56 -17.79
H2 DAR G . -2.57 1.88 -16.72
H2 DAR G . -3.25 0.68 -14.73
H DAR G . -3.88 0.99 -17.22
H DAR G . -4.27 1.27 -15.88
HA DAR G . -2.60 -0.64 -18.02
HA DAR G . -3.18 -0.25 -17.51
HB2 DAR G . -0.99 -1.84 -16.55
HB2 DAR G . -0.95 -1.12 -16.95
HB3 DAR G . -2.47 -1.53 -15.71
HB3 DAR G . -2.10 -1.66 -15.76
HG2 DAR G . -1.44 0.50 -14.62
HG2 DAR G . -1.37 0.64 -14.53
HG3 DAR G . 0.01 0.27 -15.50
HG3 DAR G . 0.07 0.43 -15.45
HD2 DAR G . 0.39 -1.94 -14.41
HD2 DAR G . 0.41 -1.84 -14.53
HD3 DAR G . -1.09 -1.80 -13.53
HD3 DAR G . -1.09 -1.76 -13.65
HE DAR G . -0.13 -0.42 -12.02
HE DAR G . -0.23 -0.01 -12.27
HH11 DAR G . 3.49 -0.30 -13.77
HH11 DAR G . 3.49 -0.37 -13.77
HH21 DAR G . 1.45 0.87 -11.16
HH21 DAR G . 1.45 0.88 -11.14
HH22 DAR G . 3.08 0.90 -11.71
HH22 DAR G . 3.08 0.92 -11.70
#